data_2KVN
#
_entry.id   2KVN
#
_cell.length_a   1.000
_cell.length_b   1.000
_cell.length_c   1.000
_cell.angle_alpha   90.00
_cell.angle_beta   90.00
_cell.angle_gamma   90.00
#
_symmetry.space_group_name_H-M   'P 1'
#
_entity_poly.entity_id   1
_entity_poly.type   'polyribonucleotide'
_entity_poly.pdbx_seq_one_letter_code
;GGUGAUUGAGUUCACCA
;
_entity_poly.pdbx_strand_id   A
#